data_1LEI
#
_entry.id   1LEI
#
_cell.length_a   137.131
_cell.length_b   179.697
_cell.length_c   97.068
_cell.angle_alpha   90.00
_cell.angle_beta   90.00
_cell.angle_gamma   90.00
#
_symmetry.space_group_name_H-M   'C 2 2 2'
#
loop_
_entity.id
_entity.type
_entity.pdbx_description
1 polymer "5'-D(*CP*TP*CP*AP*GP*GP*GP*AP*AP*AP*GP*TP*AP*CP*AP*GP*A)-3'"
2 polymer "5'-D(*TP*CP*TP*GP*5ITP*AP*CP*5ITP*5ITP*5ITP*CP*CP*CP*TP*GP*AP*G)-3'"
3 polymer 'NUCLEAR FACTOR NF-KAPPA-B P65 SUBUNIT'
4 polymer 'NUCLEAR FACTOR NF-KAPPA-B P50 SUBUNIT'
5 water water
#
loop_
_entity_poly.entity_id
_entity_poly.type
_entity_poly.pdbx_seq_one_letter_code
_entity_poly.pdbx_strand_id
1 'polydeoxyribonucleotide' (DC)(DT)(DC)(DA)(DG)(DG)(DG)(DA)(DA)(DA)(DG)(DT)(DA)(DC)(DA)(DG)(DA) C
2 'polydeoxyribonucleotide' (DT)(DC)(DT)(DG)(5IU)(DA)(DC)(5IU)(5IU)(5IU)(DC)(DC)(DC)(DT)(DG)(DA)(DG) D
3 'polypeptide(L)'
;MAYVEIIEQPKQRGMRFRYKCEGRSAGSIPGERSTDTTKTHPTIKINGYTGPGTVRISLVTKDPPHRPHPHELVGKDCRD
GYYEADLCPDRSIHSFQNLGIQCVKKRDLEQAISQRIQTNNNPFHVPIEEQRGDYDLNAVRLCFQVTVRDPAGRPLLLTP
VLSHPIFDNRAPNTAELKICRVNRNSGSCLGGDEIFLLCDKVQKEDIEVYFTGPGWEARGSFSQADVHRQVAIVFRTPPY
ADPSLQAPVRVSMQLRRPSDRELSEPMEFQYLPD
;
A
4 'polypeptide(L)'
;MGPYLQILEQPKQRGFRFRYVCEGPSHGGLPGASSEKNKKSYPQVKICNYVGPAKVIVQLVTNGKNIHLHAHSLVGKHCE
DGVCTVTAGPKDMVVGFANLGILHVTKKKVFETLEARMTEACIRGYNPGLLVHSDLAYLQAEGGGDRQLTDREKEIIRQA
AVQQTKEMDLSVVRLMFTAFLPDSTGSFTRRLEPVVSDAIYDSKAPNASNLKIVRMDRTAGCVTGGEEIYLLCDKVQKDD
IQIRFYEEEENGGVWEGFGDFSPTDVHRQFAIVFKTPKYKDVNITKPASVFVQLRRKSDLETSEPKPFLYYPE
;
B
#
# COMPACT_ATOMS: atom_id res chain seq x y z
N ALA C 2 28.91 34.90 23.35
CA ALA C 2 29.15 33.63 22.62
C ALA C 2 27.87 32.79 22.52
N TYR C 3 27.17 32.90 21.39
CA TYR C 3 25.93 32.15 21.20
C TYR C 3 25.73 31.56 19.78
N VAL C 4 24.99 30.47 19.71
CA VAL C 4 24.72 29.79 18.44
C VAL C 4 23.55 30.38 17.68
N GLU C 5 23.79 30.73 16.42
CA GLU C 5 22.76 31.33 15.55
C GLU C 5 22.53 30.51 14.30
N ILE C 6 21.27 30.15 14.07
CA ILE C 6 20.92 29.37 12.89
C ILE C 6 20.76 30.30 11.68
N ILE C 7 21.64 30.13 10.70
CA ILE C 7 21.60 30.93 9.49
C ILE C 7 21.01 30.21 8.28
N GLU C 8 20.55 28.97 8.50
CA GLU C 8 19.92 28.17 7.44
C GLU C 8 19.16 27.02 8.08
N GLN C 9 17.87 27.26 8.31
CA GLN C 9 16.98 26.29 8.93
C GLN C 9 16.83 25.03 8.10
N PRO C 10 16.22 23.99 8.68
CA PRO C 10 15.97 22.72 7.99
C PRO C 10 14.66 22.94 7.22
N LYS C 11 14.51 22.34 6.05
CA LYS C 11 13.27 22.49 5.31
C LYS C 11 12.33 21.78 6.27
N GLN C 12 11.13 22.32 6.45
CA GLN C 12 10.21 21.69 7.38
C GLN C 12 9.41 20.51 6.83
N ARG C 13 9.14 20.52 5.54
CA ARG C 13 8.35 19.47 4.92
C ARG C 13 8.95 18.89 3.64
N GLY C 14 8.45 17.71 3.26
CA GLY C 14 8.93 17.06 2.05
C GLY C 14 9.66 15.77 2.31
N MET C 15 10.52 15.75 3.33
CA MET C 15 11.29 14.54 3.65
C MET C 15 10.53 13.63 4.58
N ARG C 16 10.55 12.35 4.29
CA ARG C 16 9.85 11.41 5.13
C ARG C 16 10.80 10.81 6.15
N PHE C 17 10.27 10.44 7.30
CA PHE C 17 11.09 9.81 8.32
C PHE C 17 11.25 8.38 7.79
N ARG C 18 12.43 7.78 7.94
CA ARG C 18 12.63 6.39 7.48
C ARG C 18 12.75 5.43 8.66
N TYR C 19 12.36 4.17 8.45
CA TYR C 19 12.46 3.13 9.48
C TYR C 19 13.78 2.38 9.27
N LYS C 20 14.17 1.59 10.28
CA LYS C 20 15.42 0.84 10.17
C LYS C 20 15.37 -0.12 9.02
N CYS C 21 14.23 -0.79 8.87
CA CYS C 21 14.05 -1.78 7.82
C CYS C 21 14.32 -1.31 6.40
N GLU C 22 14.37 0.00 6.18
CA GLU C 22 14.66 0.50 4.84
C GLU C 22 16.16 0.58 4.67
N GLY C 23 16.61 1.31 3.66
CA GLY C 23 18.04 1.45 3.43
C GLY C 23 18.87 1.91 4.62
N ARG C 24 20.07 1.35 4.76
CA ARG C 24 20.97 1.72 5.84
C ARG C 24 21.23 3.22 5.81
N SER C 25 21.35 3.75 4.59
CA SER C 25 21.57 5.16 4.41
C SER C 25 20.25 5.87 4.20
N ALA C 26 19.72 6.46 5.27
CA ALA C 26 18.44 7.17 5.19
C ALA C 26 18.62 8.49 4.45
N GLY C 27 17.62 9.35 4.57
CA GLY C 27 17.66 10.63 3.89
C GLY C 27 18.68 11.62 4.45
N SER C 28 18.65 12.82 3.91
CA SER C 28 19.56 13.85 4.34
C SER C 28 18.76 15.16 4.33
N ILE C 29 18.50 15.69 5.52
CA ILE C 29 17.73 16.91 5.71
C ILE C 29 18.17 18.09 4.87
N PRO C 30 17.36 18.46 3.87
CA PRO C 30 17.68 19.60 3.00
C PRO C 30 17.67 20.90 3.77
N GLY C 31 18.25 21.93 3.16
CA GLY C 31 18.31 23.24 3.78
C GLY C 31 16.93 23.81 4.03
N GLU C 32 16.58 24.85 3.28
CA GLU C 32 15.28 25.50 3.42
C GLU C 32 15.13 26.39 2.21
N ARG C 33 16.27 26.75 1.64
CA ARG C 33 16.32 27.56 0.45
C ARG C 33 16.98 26.73 -0.63
N SER C 34 17.25 25.47 -0.29
CA SER C 34 17.86 24.56 -1.25
C SER C 34 16.90 24.35 -2.40
N THR C 35 17.41 24.59 -3.62
CA THR C 35 16.61 24.44 -4.83
C THR C 35 17.03 23.17 -5.56
N ASP C 36 16.09 22.62 -6.34
CA ASP C 36 16.33 21.39 -7.11
C ASP C 36 17.72 21.38 -7.77
N THR C 37 18.17 22.56 -8.18
CA THR C 37 19.48 22.71 -8.80
C THR C 37 20.55 22.92 -7.73
N THR C 38 20.45 24.04 -7.04
CA THR C 38 21.38 24.40 -5.98
C THR C 38 20.89 24.03 -4.57
N LYS C 39 21.45 22.96 -4.01
CA LYS C 39 21.06 22.49 -2.67
C LYS C 39 21.86 23.11 -1.51
N THR C 40 21.18 23.37 -0.40
CA THR C 40 21.80 23.92 0.80
C THR C 40 21.50 22.99 1.97
N HIS C 41 22.11 23.21 3.12
CA HIS C 41 21.86 22.34 4.28
C HIS C 41 21.82 23.11 5.60
N PRO C 42 21.30 22.47 6.66
CA PRO C 42 21.21 23.10 7.98
C PRO C 42 22.50 23.82 8.31
N THR C 43 22.43 25.11 8.61
CA THR C 43 23.65 25.85 8.89
C THR C 43 23.60 26.83 10.04
N ILE C 44 24.54 26.68 10.97
CA ILE C 44 24.64 27.57 12.12
C ILE C 44 25.90 28.43 12.05
N LYS C 45 25.94 29.49 12.85
CA LYS C 45 27.09 30.37 12.95
C LYS C 45 27.33 30.61 14.42
N ILE C 46 28.60 30.59 14.85
CA ILE C 46 28.89 30.84 16.25
C ILE C 46 29.26 32.31 16.44
N ASN C 47 28.33 33.10 16.98
CA ASN C 47 28.60 34.52 17.19
C ASN C 47 29.38 34.75 18.47
N GLY C 48 30.27 35.74 18.42
CA GLY C 48 31.08 36.06 19.58
C GLY C 48 32.18 35.05 19.86
N TYR C 49 32.42 34.14 18.91
CA TYR C 49 33.47 33.13 19.07
C TYR C 49 33.92 32.51 17.76
N THR C 50 35.12 31.97 17.78
CA THR C 50 35.71 31.31 16.61
C THR C 50 37.00 30.63 17.05
N GLY C 51 37.03 29.31 16.94
CA GLY C 51 38.22 28.57 17.34
C GLY C 51 37.96 27.09 17.59
N PRO C 52 38.54 26.53 18.65
CA PRO C 52 38.36 25.10 18.94
C PRO C 52 37.15 24.85 19.81
N GLY C 53 36.59 23.66 19.64
CA GLY C 53 35.42 23.26 20.41
C GLY C 53 34.72 22.10 19.74
N THR C 54 33.49 21.82 20.16
CA THR C 54 32.76 20.73 19.56
C THR C 54 31.26 21.07 19.43
N VAL C 55 30.54 20.35 18.59
CA VAL C 55 29.11 20.57 18.40
C VAL C 55 28.32 19.26 18.36
N ARG C 56 27.20 19.25 19.06
CA ARG C 56 26.32 18.08 19.11
C ARG C 56 24.91 18.46 18.65
N ILE C 57 24.26 17.58 17.90
CA ILE C 57 22.91 17.83 17.44
C ILE C 57 22.03 16.64 17.79
N SER C 58 20.97 16.88 18.56
CA SER C 58 20.05 15.81 18.92
C SER C 58 18.63 16.22 18.52
N LEU C 59 17.67 15.35 18.83
CA LEU C 59 16.27 15.59 18.50
C LEU C 59 15.39 15.82 19.73
N VAL C 60 14.68 16.93 19.76
CA VAL C 60 13.76 17.18 20.88
C VAL C 60 12.38 17.33 20.31
N THR C 61 11.35 17.20 21.16
CA THR C 61 9.99 17.33 20.67
C THR C 61 9.75 18.74 20.11
N LYS C 62 8.58 18.93 19.52
CA LYS C 62 8.19 20.20 18.93
C LYS C 62 7.82 21.20 20.02
N ASP C 63 6.93 20.79 20.92
CA ASP C 63 6.48 21.69 21.97
C ASP C 63 7.36 21.91 23.21
N PRO C 64 7.23 23.10 23.84
CA PRO C 64 7.89 23.66 25.00
C PRO C 64 8.69 22.80 25.94
N PRO C 65 8.08 21.81 26.59
CA PRO C 65 9.06 21.09 27.43
C PRO C 65 9.82 20.19 26.46
N HIS C 66 10.75 20.79 25.72
CA HIS C 66 11.51 20.08 24.70
C HIS C 66 12.29 18.93 25.27
N ARG C 67 11.62 17.79 25.39
CA ARG C 67 12.24 16.63 25.95
C ARG C 67 12.90 15.79 24.89
N PRO C 68 13.77 14.85 25.29
CA PRO C 68 14.45 13.98 24.34
C PRO C 68 13.42 13.29 23.48
N HIS C 69 13.64 13.25 22.17
CA HIS C 69 12.70 12.61 21.27
C HIS C 69 13.12 11.18 21.00
N PRO C 70 12.15 10.25 20.94
CA PRO C 70 12.45 8.84 20.67
C PRO C 70 13.19 8.60 19.35
N HIS C 71 12.82 9.31 18.29
CA HIS C 71 13.54 9.09 17.04
C HIS C 71 15.05 9.28 17.22
N GLU C 72 15.81 8.80 16.24
CA GLU C 72 17.27 8.91 16.23
C GLU C 72 17.70 9.79 15.07
N LEU C 73 18.80 10.50 15.23
CA LEU C 73 19.30 11.36 14.18
C LEU C 73 20.47 10.63 13.51
N VAL C 74 20.16 9.69 12.62
CA VAL C 74 21.16 8.89 11.92
C VAL C 74 21.93 9.63 10.83
N GLY C 75 23.15 9.16 10.57
CA GLY C 75 24.00 9.78 9.57
C GLY C 75 25.47 9.80 9.96
N LYS C 76 26.29 10.38 9.09
CA LYS C 76 27.72 10.48 9.36
C LYS C 76 27.95 11.01 10.76
N ASP C 77 28.76 10.30 11.53
CA ASP C 77 29.07 10.68 12.91
C ASP C 77 27.87 10.67 13.84
N CYS C 78 26.90 9.81 13.56
CA CYS C 78 25.74 9.72 14.41
C CYS C 78 25.76 8.39 15.13
N ARG C 79 25.58 8.44 16.45
CA ARG C 79 25.59 7.26 17.31
C ARG C 79 24.60 7.49 18.44
N ASP C 80 24.13 6.42 19.06
CA ASP C 80 23.17 6.50 20.16
C ASP C 80 22.09 7.57 19.94
N GLY C 81 21.71 7.80 18.70
CA GLY C 81 20.68 8.78 18.43
C GLY C 81 21.05 10.21 18.11
N TYR C 82 22.30 10.61 18.34
CA TYR C 82 22.65 12.00 18.04
C TYR C 82 23.99 12.12 17.32
N TYR C 83 24.15 13.21 16.60
CA TYR C 83 25.37 13.46 15.86
C TYR C 83 26.34 14.31 16.70
N GLU C 84 27.63 13.99 16.66
CA GLU C 84 28.60 14.76 17.41
C GLU C 84 29.96 14.76 16.73
N ALA C 85 30.52 15.95 16.54
CA ALA C 85 31.81 16.09 15.89
C ALA C 85 32.49 17.38 16.32
N ASP C 86 33.77 17.54 15.98
CA ASP C 86 34.51 18.75 16.36
C ASP C 86 34.36 19.87 15.34
N LEU C 87 34.28 21.10 15.84
CA LEU C 87 34.16 22.27 14.98
C LEU C 87 35.50 22.54 14.28
N CYS C 88 35.44 23.26 13.16
CA CYS C 88 36.65 23.62 12.43
C CYS C 88 37.11 24.98 12.93
N PRO C 89 38.26 25.02 13.63
CA PRO C 89 38.85 26.24 14.19
C PRO C 89 39.10 27.35 13.18
N ASP C 90 39.05 27.01 11.90
CA ASP C 90 39.31 27.98 10.85
C ASP C 90 38.05 28.76 10.46
N ARG C 91 36.89 28.23 10.82
CA ARG C 91 35.62 28.87 10.49
C ARG C 91 34.64 29.00 11.67
N SER C 92 33.74 29.98 11.58
CA SER C 92 32.74 30.22 12.61
C SER C 92 31.38 29.75 12.10
N ILE C 93 31.24 29.63 10.79
CA ILE C 93 29.98 29.17 10.18
C ILE C 93 30.11 27.67 9.90
N HIS C 94 29.09 26.90 10.29
CA HIS C 94 29.12 25.45 10.10
C HIS C 94 27.81 24.86 9.58
N SER C 95 27.90 24.06 8.53
CA SER C 95 26.73 23.41 7.96
C SER C 95 26.93 21.91 7.99
N PHE C 96 25.82 21.17 8.15
CA PHE C 96 25.85 19.71 8.23
C PHE C 96 25.05 19.12 7.07
N GLN C 97 25.73 18.36 6.22
CA GLN C 97 25.09 17.82 5.03
C GLN C 97 24.63 16.37 5.03
N ASN C 98 24.46 15.76 6.20
CA ASN C 98 24.01 14.37 6.20
C ASN C 98 23.21 13.98 7.43
N LEU C 99 22.21 14.79 7.77
CA LEU C 99 21.38 14.53 8.93
C LEU C 99 20.10 13.80 8.54
N GLY C 100 19.81 12.70 9.23
CA GLY C 100 18.62 11.96 8.90
C GLY C 100 17.80 11.47 10.07
N ILE C 101 16.49 11.73 10.03
CA ILE C 101 15.62 11.28 11.09
C ILE C 101 15.32 9.81 10.85
N GLN C 102 15.58 9.02 11.86
CA GLN C 102 15.24 7.60 11.85
C GLN C 102 14.12 7.35 12.82
N CYS C 103 12.88 7.25 12.26
CA CYS C 103 11.71 7.08 13.13
C CYS C 103 11.63 5.71 13.78
N VAL C 104 11.29 5.67 15.06
CA VAL C 104 11.17 4.38 15.73
C VAL C 104 9.81 3.77 15.47
N LYS C 105 9.70 2.48 15.77
CA LYS C 105 8.45 1.77 15.61
C LYS C 105 7.62 2.16 16.81
N LYS C 106 6.33 1.90 16.77
CA LYS C 106 5.46 2.25 17.88
C LYS C 106 5.76 1.46 19.16
N ARG C 107 5.98 0.16 19.01
CA ARG C 107 6.25 -0.70 20.15
C ARG C 107 7.63 -0.59 20.78
N ASP C 108 8.46 0.29 20.25
CA ASP C 108 9.79 0.47 20.81
C ASP C 108 9.86 1.86 21.39
N LEU C 109 8.69 2.44 21.66
CA LEU C 109 8.65 3.78 22.20
C LEU C 109 9.34 3.88 23.57
N GLU C 110 8.96 3.01 24.50
CA GLU C 110 9.57 3.01 25.83
C GLU C 110 11.04 2.70 25.82
N GLN C 111 11.45 1.80 24.94
CA GLN C 111 12.86 1.45 24.85
C GLN C 111 13.61 2.67 24.39
N ALA C 112 13.07 3.34 23.38
CA ALA C 112 13.69 4.53 22.82
C ALA C 112 13.94 5.61 23.88
N ILE C 113 12.95 5.87 24.73
CA ILE C 113 13.11 6.88 25.76
C ILE C 113 14.17 6.42 26.74
N SER C 114 14.10 5.16 27.15
CA SER C 114 15.08 4.59 28.08
C SER C 114 16.49 4.80 27.57
N GLN C 115 16.67 4.67 26.26
CA GLN C 115 17.98 4.87 25.67
C GLN C 115 18.34 6.35 25.67
N ARG C 116 17.34 7.22 25.79
CA ARG C 116 17.57 8.65 25.82
C ARG C 116 18.04 9.04 27.20
N ILE C 117 17.47 8.36 28.20
CA ILE C 117 17.84 8.60 29.58
C ILE C 117 19.21 8.00 29.81
N GLN C 118 19.26 6.68 29.72
CA GLN C 118 20.50 5.95 29.92
C GLN C 118 21.66 6.53 29.15
N THR C 119 21.38 7.38 28.17
CA THR C 119 22.46 7.95 27.38
C THR C 119 22.75 9.40 27.73
N ASN C 120 22.02 9.94 28.68
CA ASN C 120 22.18 11.33 29.10
C ASN C 120 21.92 12.26 27.94
N ASN C 121 20.85 12.01 27.19
CA ASN C 121 20.53 12.88 26.07
C ASN C 121 19.31 13.70 26.47
N ASN C 122 19.57 14.83 27.12
CA ASN C 122 18.51 15.71 27.62
C ASN C 122 19.01 17.16 27.62
N PRO C 123 19.06 17.79 26.43
CA PRO C 123 19.52 19.18 26.32
C PRO C 123 18.83 20.14 27.26
N PHE C 124 17.56 19.92 27.59
CA PHE C 124 16.93 20.87 28.49
C PHE C 124 16.70 20.35 29.89
N HIS C 125 17.41 19.31 30.24
CA HIS C 125 17.37 18.74 31.56
C HIS C 125 15.96 18.60 32.14
N VAL C 126 15.07 18.13 31.30
CA VAL C 126 13.69 17.95 31.66
C VAL C 126 13.50 16.88 32.74
N PRO C 127 12.64 17.13 33.72
CA PRO C 127 12.38 16.15 34.79
C PRO C 127 12.09 14.78 34.18
N ILE C 128 12.63 13.73 34.76
CA ILE C 128 12.42 12.40 34.21
C ILE C 128 10.97 11.96 34.26
N GLU C 129 10.19 12.50 35.17
CA GLU C 129 8.78 12.12 35.27
C GLU C 129 7.98 12.62 34.07
N GLU C 130 8.53 13.60 33.34
CA GLU C 130 7.84 14.14 32.19
C GLU C 130 8.12 13.37 30.91
N GLN C 131 9.18 12.59 30.92
CA GLN C 131 9.54 11.82 29.74
C GLN C 131 8.67 10.61 29.52
N ARG C 132 7.45 10.64 30.03
CA ARG C 132 6.54 9.52 29.90
C ARG C 132 5.31 9.86 29.06
N GLY C 133 4.98 11.14 29.01
CA GLY C 133 3.83 11.57 28.25
C GLY C 133 3.91 11.30 26.77
N ASP C 134 2.76 11.07 26.14
CA ASP C 134 2.66 10.80 24.71
C ASP C 134 3.66 11.65 23.91
N TYR C 135 4.14 11.11 22.80
CA TYR C 135 5.08 11.82 21.95
C TYR C 135 4.54 11.99 20.55
N ASP C 136 4.69 13.17 19.97
CA ASP C 136 4.25 13.38 18.60
C ASP C 136 5.38 12.79 17.75
N LEU C 137 5.09 11.73 17.01
CA LEU C 137 6.12 11.09 16.21
C LEU C 137 6.25 11.58 14.76
N ASN C 138 5.52 12.62 14.40
CA ASN C 138 5.61 13.12 13.03
C ASN C 138 6.24 14.50 12.98
N ALA C 139 6.71 14.97 14.13
CA ALA C 139 7.35 16.27 14.22
C ALA C 139 8.44 16.28 15.29
N VAL C 140 9.62 16.75 14.91
CA VAL C 140 10.78 16.83 15.81
C VAL C 140 11.47 18.14 15.56
N ARG C 141 12.35 18.54 16.46
CA ARG C 141 13.12 19.77 16.30
C ARG C 141 14.61 19.43 16.46
N LEU C 142 15.46 20.06 15.65
CA LEU C 142 16.90 19.84 15.75
C LEU C 142 17.36 20.66 16.93
N CYS C 143 18.36 20.15 17.66
CA CYS C 143 18.88 20.89 18.81
C CYS C 143 20.40 20.96 18.73
N PHE C 144 20.92 22.19 18.67
CA PHE C 144 22.35 22.42 18.55
C PHE C 144 23.06 22.73 19.86
N GLN C 145 23.71 21.74 20.47
CA GLN C 145 24.43 21.94 21.72
C GLN C 145 25.90 22.13 21.34
N VAL C 146 26.33 23.38 21.28
CA VAL C 146 27.71 23.72 20.93
C VAL C 146 28.61 24.05 22.12
N THR C 147 29.80 23.44 22.16
CA THR C 147 30.73 23.67 23.26
C THR C 147 32.03 24.38 22.82
N VAL C 148 32.29 25.56 23.39
CA VAL C 148 33.50 26.29 23.05
C VAL C 148 34.52 26.29 24.21
N ARG C 149 35.27 27.37 24.32
CA ARG C 149 36.30 27.51 25.36
C ARG C 149 36.22 28.91 25.97
N ASP C 150 36.45 29.00 27.27
CA ASP C 150 36.41 30.28 27.97
C ASP C 150 37.82 30.83 28.09
N PRO C 151 37.97 32.06 28.61
CA PRO C 151 39.32 32.60 28.74
C PRO C 151 40.25 31.64 29.48
N ALA C 152 39.76 31.02 30.54
CA ALA C 152 40.59 30.08 31.29
C ALA C 152 40.91 28.87 30.40
N GLY C 153 40.43 28.92 29.17
CA GLY C 153 40.68 27.84 28.25
C GLY C 153 39.96 26.57 28.64
N ARG C 154 38.90 26.70 29.43
CA ARG C 154 38.13 25.51 29.83
C ARG C 154 36.88 25.32 28.97
N PRO C 155 36.31 24.09 29.01
CA PRO C 155 35.11 23.73 28.24
C PRO C 155 33.94 24.60 28.66
N LEU C 156 33.30 25.24 27.69
CA LEU C 156 32.14 26.09 27.96
C LEU C 156 30.97 25.67 27.07
N LEU C 157 29.98 25.03 27.68
CA LEU C 157 28.81 24.57 26.94
C LEU C 157 27.82 25.69 26.71
N LEU C 158 27.67 26.12 25.47
CA LEU C 158 26.75 27.19 25.17
C LEU C 158 25.29 26.81 25.30
N THR C 159 24.44 27.81 25.43
CA THR C 159 23.02 27.57 25.58
C THR C 159 22.40 26.97 24.32
N PRO C 160 21.67 25.86 24.47
CA PRO C 160 20.99 25.09 23.41
C PRO C 160 20.10 25.94 22.52
N VAL C 161 20.13 25.68 21.22
CA VAL C 161 19.29 26.42 20.28
C VAL C 161 18.50 25.42 19.43
N LEU C 162 17.25 25.76 19.14
CA LEU C 162 16.40 24.89 18.36
C LEU C 162 16.13 25.44 16.98
N SER C 163 15.83 24.56 16.03
CA SER C 163 15.48 24.97 14.68
C SER C 163 13.96 24.92 14.57
N HIS C 164 13.46 25.15 13.37
CA HIS C 164 12.04 25.07 13.11
C HIS C 164 11.67 23.61 13.18
N PRO C 165 10.39 23.28 13.33
CA PRO C 165 10.10 21.85 13.40
C PRO C 165 10.19 21.21 12.02
N ILE C 166 10.54 19.92 12.01
CA ILE C 166 10.66 19.16 10.80
C ILE C 166 9.56 18.12 10.84
N PHE C 167 8.74 18.05 9.81
CA PHE C 167 7.65 17.09 9.79
C PHE C 167 7.83 15.85 8.91
N ASP C 168 7.25 14.75 9.38
CA ASP C 168 7.31 13.46 8.67
C ASP C 168 6.43 13.56 7.41
N ASN C 169 7.05 13.55 6.24
CA ASN C 169 6.29 13.66 5.01
C ASN C 169 5.46 12.41 4.69
N ARG C 170 5.82 11.31 5.36
CA ARG C 170 5.14 10.05 5.20
C ARG C 170 3.73 10.25 5.72
N ALA C 171 3.56 11.25 6.58
CA ALA C 171 2.27 11.54 7.17
C ALA C 171 1.50 12.64 6.42
N PRO C 172 0.37 12.28 5.77
CA PRO C 172 -0.50 13.17 5.00
C PRO C 172 -0.83 14.49 5.68
N ASN C 173 -1.12 14.45 6.99
CA ASN C 173 -1.44 15.66 7.73
C ASN C 173 -0.28 16.65 7.87
N THR C 174 0.94 16.14 7.88
CA THR C 174 2.12 16.98 8.00
C THR C 174 2.92 16.99 6.72
N ALA C 175 2.42 16.30 5.70
CA ALA C 175 3.11 16.22 4.43
C ALA C 175 3.20 17.55 3.67
N GLU C 176 4.17 17.60 2.77
CA GLU C 176 4.33 18.76 1.92
C GLU C 176 3.24 18.65 0.86
N LEU C 177 2.42 19.70 0.69
CA LEU C 177 1.36 19.70 -0.30
C LEU C 177 1.93 19.78 -1.70
N LYS C 178 1.39 19.05 -2.65
CA LYS C 178 1.95 19.11 -3.99
C LYS C 178 1.05 18.76 -5.17
N ILE C 179 0.78 19.73 -6.03
CA ILE C 179 -0.03 19.49 -7.22
C ILE C 179 0.91 18.84 -8.23
N CYS C 180 0.59 17.63 -8.68
CA CYS C 180 1.48 16.98 -9.63
C CYS C 180 1.09 17.24 -11.07
N ARG C 181 -0.21 17.12 -11.35
CA ARG C 181 -0.68 17.28 -12.71
C ARG C 181 -2.09 17.84 -12.72
N VAL C 182 -2.44 18.54 -13.79
CA VAL C 182 -3.77 19.11 -13.86
C VAL C 182 -4.41 19.11 -15.25
N ASN C 183 -5.69 18.78 -15.24
CA ASN C 183 -6.53 18.68 -16.44
C ASN C 183 -6.37 19.81 -17.45
N ARG C 184 -6.66 21.00 -16.97
CA ARG C 184 -6.61 22.21 -17.76
C ARG C 184 -6.19 23.35 -16.86
N ASN C 185 -5.58 24.39 -17.43
CA ASN C 185 -5.13 25.51 -16.64
C ASN C 185 -5.74 26.87 -17.02
N SER C 186 -6.89 26.83 -17.68
CA SER C 186 -7.59 28.06 -18.03
C SER C 186 -9.09 27.78 -18.05
N GLY C 187 -9.90 28.83 -18.05
CA GLY C 187 -11.34 28.65 -18.07
C GLY C 187 -12.04 30.00 -18.02
N SER C 188 -13.36 30.00 -18.23
CA SER C 188 -14.10 31.25 -18.22
C SER C 188 -14.14 31.92 -16.86
N CYS C 189 -14.19 33.24 -16.86
CA CYS C 189 -14.25 34.02 -15.63
C CYS C 189 -15.62 33.83 -14.96
N LEU C 190 -16.42 32.92 -15.50
CA LEU C 190 -17.73 32.64 -14.92
C LEU C 190 -17.64 31.38 -14.08
N GLY C 191 -16.50 30.70 -14.15
CA GLY C 191 -16.32 29.49 -13.38
C GLY C 191 -17.18 28.35 -13.83
N GLY C 192 -17.15 27.25 -13.08
CA GLY C 192 -17.95 26.10 -13.41
C GLY C 192 -17.22 25.05 -14.21
N ASP C 193 -15.95 25.31 -14.54
CA ASP C 193 -15.14 24.37 -15.29
C ASP C 193 -14.58 23.31 -14.35
N GLU C 194 -14.87 22.05 -14.67
CA GLU C 194 -14.40 20.91 -13.88
C GLU C 194 -12.90 20.78 -14.11
N ILE C 195 -12.17 20.39 -13.07
CA ILE C 195 -10.75 20.22 -13.23
C ILE C 195 -10.32 18.94 -12.55
N PHE C 196 -9.47 18.18 -13.22
CA PHE C 196 -8.96 16.95 -12.61
C PHE C 196 -7.57 17.29 -12.13
N LEU C 197 -7.35 17.16 -10.82
CA LEU C 197 -6.07 17.47 -10.24
C LEU C 197 -5.40 16.24 -9.61
N LEU C 198 -4.16 15.96 -10.02
CA LEU C 198 -3.41 14.84 -9.48
C LEU C 198 -2.43 15.40 -8.43
N CYS C 199 -2.41 14.80 -7.25
CA CYS C 199 -1.56 15.30 -6.17
C CYS C 199 -0.98 14.19 -5.28
N ASP C 200 -0.02 14.58 -4.43
CA ASP C 200 0.58 13.66 -3.47
C ASP C 200 -0.54 13.33 -2.50
N LYS C 201 -0.32 12.37 -1.60
CA LYS C 201 -1.35 12.00 -0.63
C LYS C 201 -1.95 13.16 0.13
N VAL C 202 -3.29 13.22 0.19
CA VAL C 202 -3.98 14.25 0.97
C VAL C 202 -5.16 13.58 1.70
N GLN C 203 -5.62 14.18 2.79
CA GLN C 203 -6.75 13.62 3.50
C GLN C 203 -8.03 14.35 3.08
N LYS C 204 -8.90 13.63 2.39
CA LYS C 204 -10.15 14.19 1.91
C LYS C 204 -10.91 15.10 2.87
N GLU C 205 -10.84 14.81 4.15
CA GLU C 205 -11.53 15.63 5.15
C GLU C 205 -10.71 16.85 5.58
N ASP C 206 -9.58 17.08 4.93
CA ASP C 206 -8.73 18.22 5.30
C ASP C 206 -8.00 18.78 4.07
N ILE C 207 -8.74 19.16 3.03
CA ILE C 207 -8.12 19.66 1.83
C ILE C 207 -8.95 20.69 1.04
N GLU C 208 -8.28 21.57 0.31
CA GLU C 208 -8.94 22.61 -0.48
C GLU C 208 -8.10 23.07 -1.68
N VAL C 209 -8.75 23.72 -2.64
CA VAL C 209 -8.03 24.25 -3.80
C VAL C 209 -8.24 25.76 -3.61
N TYR C 210 -7.16 26.49 -3.41
CA TYR C 210 -7.27 27.92 -3.14
C TYR C 210 -6.85 28.77 -4.33
N PHE C 211 -7.81 29.47 -4.92
CA PHE C 211 -7.54 30.35 -6.04
C PHE C 211 -7.18 31.73 -5.51
N THR C 212 -6.06 32.27 -5.97
CA THR C 212 -5.65 33.55 -5.44
C THR C 212 -5.19 34.57 -6.46
N GLY C 213 -5.53 35.82 -6.18
CA GLY C 213 -5.14 36.91 -7.03
C GLY C 213 -5.28 38.15 -6.19
N PRO C 214 -4.63 39.25 -6.55
CA PRO C 214 -4.71 40.49 -5.78
C PRO C 214 -6.17 40.94 -5.64
N GLY C 215 -6.59 41.13 -4.40
CA GLY C 215 -7.96 41.55 -4.18
C GLY C 215 -8.98 40.49 -4.51
N TRP C 216 -8.54 39.25 -4.71
CA TRP C 216 -9.47 38.17 -5.02
C TRP C 216 -9.06 36.80 -4.44
N GLU C 217 -9.94 36.24 -3.62
CA GLU C 217 -9.68 34.95 -2.99
C GLU C 217 -10.95 34.10 -3.09
N ALA C 218 -10.83 32.87 -3.56
CA ALA C 218 -11.98 31.99 -3.68
C ALA C 218 -11.54 30.54 -3.58
N ARG C 219 -12.49 29.61 -3.61
CA ARG C 219 -12.14 28.21 -3.51
C ARG C 219 -12.77 27.33 -4.57
N GLY C 220 -12.09 26.24 -4.91
CA GLY C 220 -12.62 25.31 -5.88
C GLY C 220 -13.74 24.56 -5.19
N SER C 221 -14.82 24.25 -5.90
CA SER C 221 -15.94 23.53 -5.27
C SER C 221 -15.84 22.03 -5.45
N PHE C 222 -16.09 21.29 -4.38
CA PHE C 222 -16.08 19.83 -4.45
C PHE C 222 -16.40 19.24 -3.09
N SER C 223 -16.74 17.96 -3.09
CA SER C 223 -17.07 17.26 -1.86
C SER C 223 -16.09 16.13 -1.64
N GLN C 224 -16.00 15.65 -0.40
CA GLN C 224 -15.09 14.58 -0.11
C GLN C 224 -15.23 13.42 -1.09
N ALA C 225 -16.44 13.15 -1.55
CA ALA C 225 -16.62 12.06 -2.49
C ALA C 225 -15.79 12.29 -3.75
N ASP C 226 -15.48 13.55 -4.04
CA ASP C 226 -14.72 13.88 -5.21
C ASP C 226 -13.21 13.63 -5.08
N VAL C 227 -12.74 13.34 -3.88
CA VAL C 227 -11.32 13.08 -3.67
C VAL C 227 -11.04 11.60 -3.92
N HIS C 228 -10.42 11.27 -5.06
CA HIS C 228 -10.11 9.87 -5.37
C HIS C 228 -8.85 9.29 -4.72
N ARG C 229 -9.07 8.32 -3.82
CA ARG C 229 -8.01 7.64 -3.09
C ARG C 229 -6.88 8.54 -2.64
N GLN C 230 -7.22 9.67 -2.04
CA GLN C 230 -6.25 10.63 -1.53
C GLN C 230 -5.29 11.28 -2.53
N VAL C 231 -5.27 10.82 -3.78
CA VAL C 231 -4.32 11.39 -4.73
C VAL C 231 -4.86 12.12 -5.99
N ALA C 232 -6.16 12.34 -6.06
CA ALA C 232 -6.75 13.04 -7.19
C ALA C 232 -8.01 13.78 -6.74
N ILE C 233 -8.15 15.02 -7.17
CA ILE C 233 -9.32 15.82 -6.80
C ILE C 233 -10.03 16.36 -8.01
N VAL C 234 -11.32 16.08 -8.10
CA VAL C 234 -12.14 16.55 -9.21
C VAL C 234 -12.99 17.67 -8.63
N PHE C 235 -12.78 18.89 -9.12
CA PHE C 235 -13.50 20.04 -8.61
C PHE C 235 -13.96 20.99 -9.70
N ARG C 236 -14.73 22.00 -9.31
CA ARG C 236 -15.25 23.01 -10.23
C ARG C 236 -14.59 24.33 -9.91
N THR C 237 -14.26 25.10 -10.94
CA THR C 237 -13.61 26.39 -10.72
C THR C 237 -14.52 27.47 -10.16
N PRO C 238 -13.99 28.32 -9.28
CA PRO C 238 -14.74 29.41 -8.66
C PRO C 238 -14.91 30.54 -9.69
N PRO C 239 -15.93 31.39 -9.52
CA PRO C 239 -16.16 32.51 -10.44
C PRO C 239 -15.13 33.58 -10.16
N TYR C 240 -14.45 34.09 -11.19
CA TYR C 240 -13.49 35.16 -10.97
C TYR C 240 -14.26 36.42 -10.61
N ALA C 241 -13.57 37.40 -10.02
CA ALA C 241 -14.19 38.66 -9.59
C ALA C 241 -14.84 39.43 -10.72
N ASP C 242 -14.08 39.72 -11.77
CA ASP C 242 -14.59 40.45 -12.93
C ASP C 242 -15.35 39.45 -13.81
N PRO C 243 -16.68 39.58 -13.89
CA PRO C 243 -17.57 38.71 -14.68
C PRO C 243 -17.57 38.99 -16.17
N SER C 244 -16.77 39.96 -16.58
CA SER C 244 -16.75 40.32 -17.99
C SER C 244 -15.34 40.65 -18.43
N LEU C 245 -14.45 39.71 -18.22
CA LEU C 245 -13.07 39.89 -18.59
C LEU C 245 -13.04 40.14 -20.09
N GLN C 246 -12.00 40.83 -20.54
CA GLN C 246 -11.82 41.12 -21.95
C GLN C 246 -10.35 40.94 -22.29
N ALA C 247 -9.70 40.05 -21.55
CA ALA C 247 -8.30 39.72 -21.73
C ALA C 247 -7.94 38.74 -20.64
N PRO C 248 -7.07 37.78 -20.96
CA PRO C 248 -6.65 36.77 -19.99
C PRO C 248 -6.05 37.44 -18.77
N VAL C 249 -6.38 36.92 -17.59
CA VAL C 249 -5.85 37.41 -16.32
C VAL C 249 -5.30 36.20 -15.62
N ARG C 250 -4.01 36.24 -15.28
CA ARG C 250 -3.39 35.12 -14.60
C ARG C 250 -3.67 35.21 -13.11
N VAL C 251 -3.83 34.05 -12.49
CA VAL C 251 -4.09 33.96 -11.04
C VAL C 251 -3.40 32.72 -10.53
N SER C 252 -3.37 32.56 -9.21
CA SER C 252 -2.73 31.40 -8.62
C SER C 252 -3.71 30.34 -8.16
N MET C 253 -3.29 29.09 -8.27
CA MET C 253 -4.10 27.94 -7.86
C MET C 253 -3.20 27.05 -7.00
N GLN C 254 -3.63 26.77 -5.77
CA GLN C 254 -2.80 25.93 -4.93
C GLN C 254 -3.60 25.13 -3.93
N LEU C 255 -3.00 24.05 -3.45
CA LEU C 255 -3.64 23.19 -2.48
C LEU C 255 -3.57 23.84 -1.12
N ARG C 256 -4.64 23.75 -0.33
CA ARG C 256 -4.60 24.34 0.99
C ARG C 256 -5.05 23.35 2.04
N ARG C 257 -4.34 23.30 3.16
CA ARG C 257 -4.72 22.39 4.22
C ARG C 257 -5.19 23.24 5.38
N PRO C 258 -6.50 23.21 5.66
CA PRO C 258 -7.10 23.98 6.74
C PRO C 258 -6.59 23.67 8.14
N SER C 259 -6.32 22.40 8.44
CA SER C 259 -5.85 22.07 9.79
C SER C 259 -4.68 22.95 10.24
N ASP C 260 -3.64 23.04 9.42
CA ASP C 260 -2.45 23.84 9.73
C ASP C 260 -2.25 24.95 8.69
N ARG C 261 -3.35 25.31 8.02
CA ARG C 261 -3.33 26.33 6.99
C ARG C 261 -2.12 26.33 6.05
N GLU C 262 -1.61 25.14 5.76
CA GLU C 262 -0.49 24.97 4.85
C GLU C 262 -0.91 25.22 3.40
N LEU C 263 0.05 25.56 2.53
CA LEU C 263 -0.23 25.80 1.12
C LEU C 263 0.80 25.15 0.22
N SER C 264 0.38 24.73 -0.96
CA SER C 264 1.32 24.11 -1.89
C SER C 264 1.89 25.19 -2.80
N GLU C 265 3.00 24.93 -3.47
CA GLU C 265 3.55 25.94 -4.35
C GLU C 265 2.45 26.26 -5.34
N PRO C 266 2.36 27.52 -5.76
CA PRO C 266 1.35 27.98 -6.69
C PRO C 266 1.43 27.48 -8.11
N MET C 267 0.29 27.13 -8.68
CA MET C 267 0.23 26.70 -10.06
C MET C 267 -0.43 27.88 -10.75
N GLU C 268 -0.09 28.11 -12.00
CA GLU C 268 -0.66 29.24 -12.70
C GLU C 268 -1.96 28.86 -13.36
N PHE C 269 -2.98 29.71 -13.18
CA PHE C 269 -4.26 29.47 -13.81
C PHE C 269 -4.63 30.74 -14.53
N GLN C 270 -5.32 30.60 -15.65
CA GLN C 270 -5.72 31.75 -16.42
C GLN C 270 -7.23 31.83 -16.64
N TYR C 271 -7.79 32.97 -16.25
CA TYR C 271 -9.20 33.18 -16.45
C TYR C 271 -9.32 33.87 -17.80
N LEU C 272 -10.27 33.39 -18.59
CA LEU C 272 -10.51 33.91 -19.92
C LEU C 272 -11.88 34.56 -20.04
N PRO C 273 -12.11 35.27 -21.16
CA PRO C 273 -13.40 35.93 -21.35
C PRO C 273 -14.64 35.06 -21.61
N ASP C 274 -15.75 35.55 -21.03
CA ASP C 274 -17.12 35.01 -21.11
C ASP C 274 -17.34 33.55 -21.49
N GLY D 2 -16.54 -46.82 -11.31
CA GLY D 2 -16.05 -46.86 -9.90
C GLY D 2 -16.54 -45.68 -9.07
N PRO D 3 -16.21 -45.64 -7.77
CA PRO D 3 -16.62 -44.54 -6.88
C PRO D 3 -15.60 -43.41 -6.86
N TYR D 4 -15.99 -42.23 -7.31
CA TYR D 4 -15.09 -41.10 -7.34
C TYR D 4 -15.77 -39.82 -6.90
N LEU D 5 -14.96 -38.81 -6.62
CA LEU D 5 -15.46 -37.51 -6.18
C LEU D 5 -15.58 -36.56 -7.37
N GLN D 6 -16.34 -35.49 -7.19
CA GLN D 6 -16.50 -34.49 -8.23
C GLN D 6 -17.01 -33.18 -7.63
N ILE D 7 -16.62 -32.07 -8.26
CA ILE D 7 -17.02 -30.74 -7.79
C ILE D 7 -18.18 -30.18 -8.60
N LEU D 8 -19.14 -29.58 -7.90
CA LEU D 8 -20.33 -29.03 -8.55
C LEU D 8 -20.35 -27.50 -8.73
N GLU D 9 -19.52 -26.80 -7.96
CA GLU D 9 -19.43 -25.33 -8.06
C GLU D 9 -18.09 -24.74 -7.62
N GLN D 10 -17.13 -24.73 -8.54
CA GLN D 10 -15.79 -24.21 -8.29
C GLN D 10 -15.79 -22.90 -7.49
N PRO D 11 -14.73 -22.68 -6.71
CA PRO D 11 -14.56 -21.48 -5.87
C PRO D 11 -14.33 -20.27 -6.75
N LYS D 12 -15.02 -19.17 -6.47
CA LYS D 12 -14.85 -17.96 -7.27
C LYS D 12 -13.37 -17.55 -7.18
N GLN D 13 -12.69 -17.53 -8.34
CA GLN D 13 -11.27 -17.20 -8.40
C GLN D 13 -10.84 -15.80 -7.97
N ARG D 14 -11.74 -14.81 -8.10
CA ARG D 14 -11.39 -13.44 -7.74
C ARG D 14 -12.48 -12.64 -7.00
N GLY D 15 -12.04 -11.64 -6.24
CA GLY D 15 -12.95 -10.80 -5.49
C GLY D 15 -13.01 -11.14 -4.01
N PHE D 16 -12.00 -11.84 -3.52
CA PHE D 16 -11.95 -12.22 -2.12
C PHE D 16 -10.57 -11.93 -1.53
N ARG D 17 -10.53 -11.33 -0.35
CA ARG D 17 -9.27 -10.99 0.28
C ARG D 17 -8.90 -11.95 1.40
N PHE D 18 -7.67 -12.45 1.37
CA PHE D 18 -7.18 -13.37 2.40
C PHE D 18 -6.92 -12.56 3.67
N ARG D 19 -7.71 -12.81 4.70
CA ARG D 19 -7.57 -12.08 5.96
C ARG D 19 -6.44 -12.59 6.83
N TYR D 20 -5.64 -11.65 7.34
CA TYR D 20 -4.54 -11.98 8.25
C TYR D 20 -5.17 -12.21 9.60
N VAL D 21 -4.41 -12.73 10.56
CA VAL D 21 -4.97 -12.95 11.88
C VAL D 21 -5.40 -11.61 12.47
N CYS D 22 -4.46 -10.68 12.54
CA CYS D 22 -4.72 -9.34 13.07
C CYS D 22 -5.94 -8.69 12.43
N GLU D 23 -6.20 -9.01 11.18
CA GLU D 23 -7.35 -8.47 10.47
C GLU D 23 -8.60 -8.59 11.35
N GLY D 24 -8.78 -9.75 11.98
CA GLY D 24 -9.93 -9.95 12.84
C GLY D 24 -10.97 -10.91 12.28
N PRO D 25 -12.00 -11.29 13.06
CA PRO D 25 -13.06 -12.20 12.60
C PRO D 25 -14.09 -11.51 11.70
N SER D 26 -14.97 -12.33 11.13
CA SER D 26 -16.04 -11.88 10.24
C SER D 26 -15.68 -10.76 9.28
N HIS D 27 -15.25 -11.16 8.07
CA HIS D 27 -14.87 -10.21 7.02
C HIS D 27 -15.56 -10.63 5.74
N GLY D 28 -15.85 -11.92 5.63
CA GLY D 28 -16.50 -12.45 4.46
C GLY D 28 -16.51 -13.97 4.49
N GLY D 29 -16.14 -14.57 3.36
CA GLY D 29 -16.10 -16.01 3.24
C GLY D 29 -16.15 -16.45 1.80
N LEU D 30 -15.08 -17.06 1.32
CA LEU D 30 -14.99 -17.52 -0.06
C LEU D 30 -16.37 -17.76 -0.67
N PRO D 31 -16.73 -16.97 -1.70
CA PRO D 31 -18.01 -17.07 -2.40
C PRO D 31 -18.08 -18.17 -3.47
N GLY D 32 -19.29 -18.58 -3.81
CA GLY D 32 -19.45 -19.59 -4.83
C GLY D 32 -19.28 -18.90 -6.16
N ALA D 33 -18.53 -19.53 -7.07
CA ALA D 33 -18.27 -18.97 -8.39
C ALA D 33 -19.52 -18.34 -9.03
N SER D 34 -20.62 -19.06 -9.00
CA SER D 34 -21.87 -18.55 -9.58
C SER D 34 -22.73 -17.85 -8.53
N SER D 35 -22.24 -16.73 -8.01
CA SER D 35 -22.99 -15.95 -7.03
C SER D 35 -23.41 -14.67 -7.73
N GLU D 36 -23.83 -14.83 -8.99
CA GLU D 36 -24.27 -13.74 -9.87
C GLU D 36 -24.99 -12.58 -9.17
N LYS D 37 -25.77 -12.89 -8.15
CA LYS D 37 -26.49 -11.87 -7.40
C LYS D 37 -26.34 -12.13 -5.92
N ASN D 38 -27.33 -11.67 -5.16
CA ASN D 38 -27.34 -11.88 -3.73
C ASN D 38 -27.85 -13.31 -3.51
N LYS D 39 -27.47 -14.20 -4.42
CA LYS D 39 -27.86 -15.60 -4.36
C LYS D 39 -26.88 -16.37 -3.49
N LYS D 40 -26.12 -15.61 -2.69
CA LYS D 40 -25.14 -16.17 -1.76
C LYS D 40 -24.71 -17.58 -2.15
N SER D 41 -23.93 -17.68 -3.21
CA SER D 41 -23.46 -18.96 -3.72
C SER D 41 -22.51 -19.62 -2.72
N TYR D 42 -21.85 -20.69 -3.15
CA TYR D 42 -20.93 -21.43 -2.29
C TYR D 42 -20.38 -22.68 -2.99
N PRO D 43 -19.14 -23.09 -2.67
CA PRO D 43 -18.58 -24.29 -3.31
C PRO D 43 -19.35 -25.54 -2.86
N GLN D 44 -19.40 -26.55 -3.72
CA GLN D 44 -20.10 -27.77 -3.37
C GLN D 44 -19.56 -28.98 -4.12
N VAL D 45 -19.17 -30.00 -3.35
CA VAL D 45 -18.63 -31.22 -3.93
C VAL D 45 -19.67 -32.33 -3.85
N LYS D 46 -19.52 -33.34 -4.68
CA LYS D 46 -20.47 -34.45 -4.71
C LYS D 46 -19.81 -35.80 -5.03
N ILE D 47 -20.20 -36.81 -4.25
CA ILE D 47 -19.68 -38.16 -4.42
C ILE D 47 -20.67 -38.90 -5.33
N CYS D 48 -20.18 -39.42 -6.45
CA CYS D 48 -21.03 -40.12 -7.42
C CYS D 48 -21.64 -41.42 -6.93
N ASN D 49 -20.79 -42.37 -6.53
CA ASN D 49 -21.27 -43.65 -6.04
C ASN D 49 -21.83 -43.54 -4.62
N TYR D 50 -22.99 -42.89 -4.51
CA TYR D 50 -23.68 -42.68 -3.25
C TYR D 50 -23.42 -43.82 -2.27
N VAL D 51 -22.34 -43.69 -1.50
CA VAL D 51 -22.00 -44.72 -0.52
C VAL D 51 -22.52 -44.35 0.86
N GLY D 52 -23.85 -44.27 1.00
CA GLY D 52 -24.44 -43.92 2.28
C GLY D 52 -23.58 -42.97 3.09
N PRO D 53 -22.97 -43.46 4.19
CA PRO D 53 -22.12 -42.61 5.04
C PRO D 53 -20.83 -42.23 4.32
N ALA D 54 -20.48 -40.96 4.35
CA ALA D 54 -19.27 -40.49 3.71
C ALA D 54 -18.60 -39.38 4.50
N LYS D 55 -17.31 -39.19 4.23
CA LYS D 55 -16.52 -38.15 4.89
C LYS D 55 -15.69 -37.42 3.84
N VAL D 56 -15.91 -36.12 3.72
CA VAL D 56 -15.18 -35.29 2.77
C VAL D 56 -14.46 -34.14 3.47
N ILE D 57 -13.17 -34.00 3.19
CA ILE D 57 -12.36 -32.95 3.80
C ILE D 57 -11.83 -31.95 2.77
N VAL D 58 -11.05 -30.98 3.24
CA VAL D 58 -10.47 -29.98 2.34
C VAL D 58 -9.34 -29.17 2.98
N GLN D 59 -8.21 -29.14 2.31
CA GLN D 59 -7.04 -28.41 2.77
C GLN D 59 -6.55 -27.54 1.62
N LEU D 60 -6.02 -26.37 1.94
CA LEU D 60 -5.53 -25.44 0.93
C LEU D 60 -4.23 -25.95 0.35
N VAL D 61 -3.96 -25.65 -0.92
CA VAL D 61 -2.72 -26.09 -1.57
C VAL D 61 -2.16 -25.02 -2.55
N THR D 62 -0.89 -25.20 -2.93
CA THR D 62 -0.22 -24.28 -3.84
C THR D 62 -0.83 -24.29 -5.23
N ASN D 63 -0.44 -23.33 -6.06
CA ASN D 63 -0.97 -23.22 -7.41
C ASN D 63 0.08 -23.48 -8.49
N GLY D 64 1.30 -23.75 -8.06
CA GLY D 64 2.37 -24.01 -9.01
C GLY D 64 2.24 -25.37 -9.67
N LYS D 65 3.26 -25.73 -10.44
CA LYS D 65 3.32 -27.01 -11.14
C LYS D 65 3.28 -28.17 -10.14
N ASN D 66 4.06 -28.04 -9.07
CA ASN D 66 4.12 -29.07 -8.03
C ASN D 66 3.12 -28.79 -6.91
N ILE D 67 2.03 -29.57 -6.88
CA ILE D 67 1.00 -29.40 -5.85
C ILE D 67 1.54 -29.76 -4.46
N HIS D 68 1.42 -28.82 -3.53
CA HIS D 68 1.88 -29.03 -2.16
C HIS D 68 0.95 -28.35 -1.16
N LEU D 69 1.34 -28.41 0.11
CA LEU D 69 0.56 -27.81 1.19
C LEU D 69 0.88 -26.34 1.36
N HIS D 70 -0.13 -25.50 1.19
CA HIS D 70 0.07 -24.08 1.35
C HIS D 70 0.07 -23.75 2.83
N ALA D 71 0.66 -22.61 3.17
CA ALA D 71 0.72 -22.19 4.56
C ALA D 71 -0.58 -21.55 5.06
N HIS D 72 -1.41 -21.04 4.14
CA HIS D 72 -2.68 -20.44 4.55
C HIS D 72 -3.63 -21.53 5.01
N SER D 73 -4.67 -21.15 5.75
CA SER D 73 -5.61 -22.13 6.26
C SER D 73 -7.08 -21.74 6.23
N LEU D 74 -7.94 -22.73 5.99
CA LEU D 74 -9.38 -22.54 5.96
C LEU D 74 -9.88 -22.29 7.39
N VAL D 75 -10.46 -21.12 7.63
CA VAL D 75 -10.92 -20.80 8.97
C VAL D 75 -12.40 -21.02 9.30
N GLY D 76 -13.29 -20.54 8.44
CA GLY D 76 -14.70 -20.71 8.69
C GLY D 76 -15.17 -22.11 9.11
N LYS D 77 -16.45 -22.37 8.90
CA LYS D 77 -17.11 -23.64 9.21
C LYS D 77 -16.41 -24.59 10.16
N HIS D 78 -16.71 -25.87 9.99
CA HIS D 78 -16.14 -26.91 10.80
C HIS D 78 -14.68 -27.02 10.40
N CYS D 79 -13.97 -25.90 10.37
CA CYS D 79 -12.56 -25.92 9.98
C CYS D 79 -11.65 -25.79 11.21
N GLU D 80 -10.91 -26.85 11.51
CA GLU D 80 -10.00 -26.82 12.65
C GLU D 80 -8.55 -27.12 12.25
N ASP D 81 -7.64 -26.34 12.82
CA ASP D 81 -6.21 -26.48 12.57
C ASP D 81 -5.82 -26.50 11.10
N GLY D 82 -6.43 -25.61 10.32
CA GLY D 82 -6.09 -25.50 8.91
C GLY D 82 -6.94 -26.16 7.85
N VAL D 83 -7.62 -27.25 8.20
CA VAL D 83 -8.45 -27.96 7.23
C VAL D 83 -9.89 -28.16 7.71
N CYS D 84 -10.83 -28.16 6.77
CA CYS D 84 -12.24 -28.34 7.07
C CYS D 84 -12.68 -29.78 6.86
N THR D 85 -13.63 -30.23 7.67
CA THR D 85 -14.15 -31.59 7.59
C THR D 85 -15.69 -31.62 7.66
N VAL D 86 -16.31 -32.45 6.83
CA VAL D 86 -17.77 -32.57 6.80
C VAL D 86 -18.26 -34.02 6.66
N THR D 87 -19.58 -34.20 6.64
CA THR D 87 -20.15 -35.53 6.53
C THR D 87 -21.13 -35.66 5.38
N ALA D 88 -21.25 -36.87 4.83
CA ALA D 88 -22.13 -37.12 3.70
C ALA D 88 -23.09 -38.30 3.86
N GLY D 89 -23.20 -38.83 5.08
CA GLY D 89 -24.09 -39.96 5.31
C GLY D 89 -25.56 -39.76 4.96
N PRO D 90 -26.14 -38.59 5.25
CA PRO D 90 -27.55 -38.24 5.00
C PRO D 90 -28.20 -38.70 3.69
N LYS D 91 -29.38 -38.15 3.43
CA LYS D 91 -30.20 -38.46 2.25
C LYS D 91 -29.56 -38.26 0.88
N ASP D 92 -28.45 -37.51 0.81
CA ASP D 92 -27.79 -37.25 -0.47
C ASP D 92 -26.28 -37.40 -0.47
N MET D 93 -25.67 -37.10 -1.61
CA MET D 93 -24.21 -37.19 -1.77
C MET D 93 -23.60 -35.89 -2.29
N VAL D 94 -24.19 -34.75 -1.91
CA VAL D 94 -23.69 -33.45 -2.35
C VAL D 94 -23.40 -32.51 -1.18
N VAL D 95 -22.15 -32.52 -0.73
CA VAL D 95 -21.72 -31.65 0.37
C VAL D 95 -21.43 -30.25 -0.14
N GLY D 96 -21.65 -29.25 0.72
CA GLY D 96 -21.38 -27.87 0.36
C GLY D 96 -20.37 -27.28 1.32
N PHE D 97 -20.07 -26.00 1.14
CA PHE D 97 -19.10 -25.32 2.00
C PHE D 97 -19.45 -23.84 2.11
N ALA D 98 -20.41 -23.53 2.98
CA ALA D 98 -20.85 -22.16 3.17
C ALA D 98 -20.16 -21.44 4.33
N ASN D 99 -19.67 -20.24 4.02
CA ASN D 99 -18.96 -19.41 4.97
C ASN D 99 -17.74 -20.12 5.56
N LEU D 100 -16.57 -19.68 5.13
CA LEU D 100 -15.29 -20.23 5.58
C LEU D 100 -14.17 -19.48 4.89
N GLY D 101 -13.72 -18.39 5.53
CA GLY D 101 -12.67 -17.57 4.96
C GLY D 101 -11.31 -18.24 4.85
N ILE D 102 -10.40 -17.58 4.14
CA ILE D 102 -9.04 -18.06 3.95
C ILE D 102 -8.07 -17.15 4.71
N LEU D 103 -7.50 -17.67 5.79
CA LEU D 103 -6.56 -16.90 6.60
C LEU D 103 -5.23 -16.71 5.91
N HIS D 104 -4.74 -15.47 5.89
CA HIS D 104 -3.47 -15.18 5.27
C HIS D 104 -2.41 -15.23 6.36
N VAL D 105 -1.39 -16.03 6.14
CA VAL D 105 -0.31 -16.16 7.11
C VAL D 105 0.81 -15.18 6.81
N THR D 106 1.49 -14.72 7.85
CA THR D 106 2.59 -13.79 7.67
C THR D 106 3.76 -14.55 7.04
N LYS D 107 4.65 -13.84 6.35
CA LYS D 107 5.79 -14.48 5.70
C LYS D 107 6.77 -15.16 6.64
N LYS D 108 7.08 -14.50 7.75
CA LYS D 108 8.00 -15.10 8.71
C LYS D 108 7.42 -16.42 9.21
N LYS D 109 6.12 -16.43 9.43
CA LYS D 109 5.45 -17.62 9.93
C LYS D 109 5.06 -18.67 8.89
N VAL D 110 5.60 -18.56 7.68
CA VAL D 110 5.30 -19.53 6.65
C VAL D 110 5.96 -20.87 6.99
N PHE D 111 7.29 -20.87 7.09
CA PHE D 111 8.02 -22.08 7.41
C PHE D 111 7.46 -22.78 8.64
N GLU D 112 7.18 -22.00 9.69
CA GLU D 112 6.62 -22.56 10.92
C GLU D 112 5.31 -23.28 10.61
N THR D 113 4.28 -22.51 10.28
CA THR D 113 2.97 -23.07 9.98
C THR D 113 3.11 -24.21 8.98
N LEU D 114 3.95 -24.04 7.97
CA LEU D 114 4.14 -25.07 6.96
C LEU D 114 4.53 -26.41 7.57
N GLU D 115 5.74 -26.49 8.14
CA GLU D 115 6.21 -27.74 8.75
C GLU D 115 5.19 -28.29 9.75
N ALA D 116 4.48 -27.38 10.42
CA ALA D 116 3.49 -27.76 11.41
C ALA D 116 2.21 -28.32 10.78
N ARG D 117 2.00 -28.03 9.49
CA ARG D 117 0.83 -28.54 8.80
C ARG D 117 1.26 -29.65 7.85
N MET D 118 2.55 -29.96 7.88
CA MET D 118 3.06 -31.06 7.07
C MET D 118 3.19 -32.24 8.01
N THR D 119 3.73 -31.98 9.20
CA THR D 119 3.87 -33.03 10.20
C THR D 119 2.46 -33.51 10.49
N GLU D 120 1.57 -32.56 10.73
CA GLU D 120 0.17 -32.86 11.02
C GLU D 120 -0.44 -33.67 9.87
N ALA D 121 0.15 -33.55 8.69
CA ALA D 121 -0.33 -34.29 7.53
C ALA D 121 0.23 -35.70 7.54
N CYS D 122 1.06 -35.97 8.53
CA CYS D 122 1.67 -37.29 8.68
C CYS D 122 1.12 -38.03 9.89
N ILE D 123 0.91 -37.30 11.00
CA ILE D 123 0.36 -37.90 12.20
C ILE D 123 -1.17 -37.78 12.15
N ARG D 124 -1.68 -37.56 10.94
CA ARG D 124 -3.12 -37.44 10.70
C ARG D 124 -3.44 -38.10 9.36
N GLY D 125 -4.28 -39.12 9.41
CA GLY D 125 -4.63 -39.84 8.20
C GLY D 125 -5.20 -39.02 7.06
N TYR D 126 -6.37 -38.42 7.28
CA TYR D 126 -7.06 -37.63 6.26
C TYR D 126 -6.19 -36.79 5.33
N ASN D 127 -4.95 -36.57 5.71
CA ASN D 127 -4.03 -35.80 4.89
C ASN D 127 -3.17 -36.76 4.07
N PRO D 128 -3.07 -36.55 2.75
CA PRO D 128 -2.28 -37.42 1.89
C PRO D 128 -0.80 -37.50 2.29
N GLY D 129 0.02 -37.91 1.33
CA GLY D 129 1.45 -38.02 1.58
C GLY D 129 2.17 -37.63 0.31
N LEU D 130 1.45 -36.94 -0.56
CA LEU D 130 1.98 -36.46 -1.84
C LEU D 130 2.03 -34.94 -1.83
N LEU D 131 1.47 -34.37 -0.76
CA LEU D 131 1.44 -32.93 -0.56
C LEU D 131 2.60 -32.54 0.35
N VAL D 132 3.15 -33.52 1.05
CA VAL D 132 4.26 -33.32 1.96
C VAL D 132 5.56 -33.80 1.32
N HIS D 133 5.44 -34.88 0.56
CA HIS D 133 6.57 -35.49 -0.14
C HIS D 133 6.15 -36.87 -0.60
N SER D 134 6.28 -37.13 -1.90
CA SER D 134 5.90 -38.41 -2.48
C SER D 134 6.51 -39.60 -1.73
N ASP D 135 7.79 -39.47 -1.37
CA ASP D 135 8.51 -40.54 -0.66
C ASP D 135 7.87 -40.87 0.67
N LEU D 136 6.66 -40.37 0.91
CA LEU D 136 5.96 -40.61 2.16
C LEU D 136 4.52 -41.07 1.97
N ALA D 137 4.08 -41.17 0.72
CA ALA D 137 2.71 -41.60 0.43
C ALA D 137 2.29 -42.76 1.34
N TYR D 138 3.27 -43.58 1.71
CA TYR D 138 3.04 -44.73 2.58
C TYR D 138 2.70 -44.26 3.99
N LEU D 139 1.61 -43.51 4.14
CA LEU D 139 1.18 -43.01 5.43
C LEU D 139 -0.29 -42.63 5.38
N GLN D 140 -0.90 -42.87 4.23
CA GLN D 140 -2.30 -42.55 4.01
C GLN D 140 -3.17 -42.91 5.21
N ALA D 141 -4.36 -42.31 5.25
CA ALA D 141 -5.34 -42.52 6.32
C ALA D 141 -5.26 -43.86 7.06
N GLU D 142 -4.83 -43.80 8.31
CA GLU D 142 -4.73 -44.99 9.16
C GLU D 142 -4.62 -44.61 10.64
N GLY D 143 -5.70 -44.81 11.38
CA GLY D 143 -5.72 -44.52 12.81
C GLY D 143 -5.52 -43.08 13.25
N GLY D 144 -5.58 -42.87 14.57
CA GLY D 144 -5.41 -41.55 15.14
C GLY D 144 -4.92 -41.58 16.57
N GLY D 145 -4.42 -40.45 17.05
CA GLY D 145 -3.90 -40.35 18.41
C GLY D 145 -2.46 -39.87 18.37
N ASP D 146 -2.21 -38.71 18.96
CA ASP D 146 -0.86 -38.12 18.97
C ASP D 146 0.26 -39.07 19.40
N ARG D 147 1.30 -39.12 18.56
CA ARG D 147 2.47 -39.96 18.79
C ARG D 147 3.66 -39.32 18.07
N GLN D 148 4.84 -39.90 18.22
CA GLN D 148 6.04 -39.36 17.59
C GLN D 148 6.43 -40.11 16.30
N LEU D 149 6.57 -39.36 15.21
CA LEU D 149 6.95 -39.90 13.90
C LEU D 149 8.44 -40.20 13.89
N THR D 150 8.84 -41.26 13.20
CA THR D 150 10.24 -41.65 13.14
C THR D 150 11.16 -40.44 12.94
N ASP D 151 12.16 -40.34 13.78
CA ASP D 151 13.13 -39.24 13.71
C ASP D 151 13.94 -39.31 12.44
N ARG D 152 13.83 -40.42 11.72
CA ARG D 152 14.55 -40.59 10.46
C ARG D 152 13.74 -39.89 9.37
N GLU D 153 12.42 -39.98 9.49
CA GLU D 153 11.49 -39.36 8.55
C GLU D 153 11.08 -37.95 8.97
N LYS D 154 11.13 -37.67 10.27
CA LYS D 154 10.77 -36.35 10.79
C LYS D 154 11.72 -35.28 10.26
N GLU D 155 12.95 -35.67 9.97
CA GLU D 155 13.96 -34.74 9.44
C GLU D 155 13.60 -34.32 8.01
N ILE D 156 13.28 -35.28 7.16
CA ILE D 156 12.92 -34.98 5.78
C ILE D 156 11.69 -34.08 5.76
N ILE D 157 10.92 -34.11 6.86
CA ILE D 157 9.73 -33.29 6.97
C ILE D 157 10.19 -31.84 7.13
N ARG D 158 11.13 -31.62 8.04
CA ARG D 158 11.66 -30.28 8.28
C ARG D 158 12.50 -29.86 7.07
N GLN D 159 12.74 -30.80 6.17
CA GLN D 159 13.52 -30.52 4.97
C GLN D 159 12.62 -30.11 3.84
N ALA D 160 11.46 -30.76 3.73
CA ALA D 160 10.50 -30.43 2.69
C ALA D 160 9.99 -29.01 2.92
N ALA D 161 9.78 -28.68 4.19
CA ALA D 161 9.30 -27.36 4.58
C ALA D 161 10.26 -26.29 4.07
N VAL D 162 11.53 -26.43 4.43
CA VAL D 162 12.54 -25.47 4.00
C VAL D 162 12.61 -25.33 2.48
N GLN D 163 12.41 -26.43 1.76
CA GLN D 163 12.47 -26.41 0.30
C GLN D 163 11.16 -26.00 -0.36
N GLN D 164 10.09 -25.91 0.42
CA GLN D 164 8.78 -25.52 -0.12
C GLN D 164 8.34 -24.17 0.41
N THR D 165 9.14 -23.62 1.32
CA THR D 165 8.85 -22.31 1.90
C THR D 165 9.46 -21.27 0.98
N LYS D 166 10.64 -21.60 0.46
CA LYS D 166 11.40 -20.70 -0.41
C LYS D 166 10.69 -20.13 -1.63
N GLU D 167 9.74 -20.85 -2.21
CA GLU D 167 9.04 -20.33 -3.40
C GLU D 167 7.51 -20.40 -3.30
N MET D 168 6.98 -20.26 -2.08
CA MET D 168 5.55 -20.31 -1.88
C MET D 168 4.92 -18.94 -2.12
N ASP D 169 3.92 -18.91 -3.00
CA ASP D 169 3.21 -17.68 -3.34
C ASP D 169 1.98 -17.55 -2.48
N LEU D 170 2.01 -16.58 -1.56
CA LEU D 170 0.92 -16.36 -0.61
C LEU D 170 -0.29 -15.58 -1.15
N SER D 171 -0.21 -15.12 -2.39
CA SER D 171 -1.30 -14.35 -2.98
C SER D 171 -2.34 -15.26 -3.64
N VAL D 172 -1.97 -16.52 -3.85
CA VAL D 172 -2.86 -17.49 -4.48
C VAL D 172 -2.83 -18.83 -3.77
N VAL D 173 -4.00 -19.46 -3.66
CA VAL D 173 -4.13 -20.77 -3.02
C VAL D 173 -5.14 -21.61 -3.79
N ARG D 174 -5.18 -22.90 -3.47
CA ARG D 174 -6.13 -23.78 -4.11
C ARG D 174 -6.82 -24.70 -3.12
N LEU D 175 -7.94 -25.27 -3.55
CA LEU D 175 -8.70 -26.18 -2.73
C LEU D 175 -8.41 -27.62 -3.17
N MET D 176 -8.13 -28.45 -2.18
CA MET D 176 -7.81 -29.86 -2.38
C MET D 176 -8.93 -30.68 -1.72
N PHE D 177 -9.94 -31.04 -2.51
CA PHE D 177 -11.06 -31.84 -2.00
C PHE D 177 -10.73 -33.32 -1.97
N THR D 178 -11.03 -33.97 -0.86
CA THR D 178 -10.77 -35.41 -0.72
C THR D 178 -11.89 -36.11 0.02
N ALA D 179 -12.29 -37.27 -0.48
CA ALA D 179 -13.37 -38.06 0.13
C ALA D 179 -12.91 -39.43 0.62
N PHE D 180 -13.26 -39.74 1.86
CA PHE D 180 -12.92 -41.02 2.47
C PHE D 180 -14.21 -41.77 2.76
N LEU D 181 -14.26 -43.05 2.36
CA LEU D 181 -15.45 -43.86 2.57
C LEU D 181 -15.31 -44.73 3.82
N PRO D 182 -16.39 -45.40 4.23
CA PRO D 182 -16.37 -46.26 5.41
C PRO D 182 -15.48 -47.46 5.09
N ASP D 183 -14.65 -47.88 6.04
CA ASP D 183 -13.78 -49.02 5.79
C ASP D 183 -14.37 -50.28 6.43
N SER D 184 -13.51 -51.17 6.90
CA SER D 184 -13.95 -52.40 7.52
C SER D 184 -14.13 -52.27 9.02
N THR D 185 -13.43 -51.30 9.62
CA THR D 185 -13.53 -51.10 11.06
C THR D 185 -14.25 -49.80 11.43
N GLY D 186 -15.15 -49.37 10.56
CA GLY D 186 -15.90 -48.16 10.83
C GLY D 186 -15.06 -46.88 10.80
N SER D 187 -13.87 -46.96 10.22
CA SER D 187 -12.97 -45.80 10.13
C SER D 187 -12.93 -45.27 8.70
N PHE D 188 -13.51 -44.09 8.48
CA PHE D 188 -13.54 -43.46 7.16
C PHE D 188 -12.14 -43.28 6.55
N THR D 189 -11.57 -44.36 6.02
CA THR D 189 -10.24 -44.29 5.43
C THR D 189 -10.15 -44.82 4.01
N ARG D 190 -11.29 -45.04 3.38
CA ARG D 190 -11.29 -45.52 2.00
C ARG D 190 -11.17 -44.27 1.11
N ARG D 191 -9.94 -43.91 0.79
CA ARG D 191 -9.60 -42.73 0.01
C ARG D 191 -9.96 -42.79 -1.48
N LEU D 192 -10.64 -41.74 -1.94
CA LEU D 192 -11.04 -41.62 -3.33
C LEU D 192 -10.16 -40.54 -3.98
N GLU D 193 -9.81 -40.75 -5.24
CA GLU D 193 -8.99 -39.81 -5.98
C GLU D 193 -9.37 -38.37 -5.63
N PRO D 194 -8.41 -37.58 -5.08
CA PRO D 194 -8.64 -36.18 -4.70
C PRO D 194 -8.78 -35.28 -5.92
N VAL D 195 -9.42 -34.12 -5.74
CA VAL D 195 -9.62 -33.19 -6.84
C VAL D 195 -9.36 -31.73 -6.45
N VAL D 196 -8.39 -31.10 -7.11
CA VAL D 196 -8.03 -29.70 -6.85
C VAL D 196 -8.97 -28.75 -7.59
N SER D 197 -9.19 -27.57 -7.00
CA SER D 197 -10.08 -26.58 -7.59
C SER D 197 -9.36 -25.55 -8.46
N ASP D 198 -10.11 -24.51 -8.82
CA ASP D 198 -9.59 -23.41 -9.64
C ASP D 198 -8.83 -22.48 -8.69
N ALA D 199 -7.69 -21.97 -9.14
CA ALA D 199 -6.89 -21.11 -8.28
C ALA D 199 -7.63 -19.88 -7.74
N ILE D 200 -7.59 -19.71 -6.42
CA ILE D 200 -8.24 -18.57 -5.78
C ILE D 200 -7.20 -17.47 -5.60
N TYR D 201 -7.53 -16.27 -6.06
CA TYR D 201 -6.61 -15.15 -5.94
C TYR D 201 -7.08 -14.12 -4.92
N ASP D 202 -6.15 -13.73 -4.05
CA ASP D 202 -6.40 -12.76 -2.99
C ASP D 202 -6.69 -11.37 -3.55
N SER D 203 -7.87 -10.84 -3.23
CA SER D 203 -8.25 -9.52 -3.69
C SER D 203 -7.51 -8.44 -2.90
N LYS D 204 -6.18 -8.48 -2.96
CA LYS D 204 -5.37 -7.50 -2.28
C LYS D 204 -4.04 -7.36 -3.01
N ALA D 205 -3.61 -8.43 -3.67
CA ALA D 205 -2.38 -8.38 -4.43
C ALA D 205 -2.68 -7.66 -5.74
N PRO D 206 -2.22 -6.41 -5.86
CA PRO D 206 -2.41 -5.53 -7.04
C PRO D 206 -2.48 -6.24 -8.39
N ASN D 207 -1.96 -7.46 -8.47
CA ASN D 207 -1.95 -8.22 -9.72
C ASN D 207 -3.03 -9.30 -9.76
N ALA D 208 -4.12 -9.10 -9.03
CA ALA D 208 -5.19 -10.07 -9.00
C ALA D 208 -6.44 -9.43 -8.41
N SER D 209 -6.35 -8.13 -8.19
CA SER D 209 -7.46 -7.36 -7.64
C SER D 209 -8.42 -7.08 -8.77
N ASN D 210 -9.68 -6.86 -8.46
CA ASN D 210 -10.63 -6.58 -9.53
C ASN D 210 -10.40 -5.18 -10.07
N LEU D 211 -10.21 -5.10 -11.39
CA LEU D 211 -9.97 -3.83 -12.06
C LEU D 211 -11.23 -3.00 -12.18
N LYS D 212 -11.08 -1.68 -12.20
CA LYS D 212 -12.24 -0.81 -12.29
C LYS D 212 -11.96 0.65 -12.62
N ILE D 213 -12.73 1.19 -13.56
CA ILE D 213 -12.63 2.57 -13.97
C ILE D 213 -13.60 3.25 -13.04
N VAL D 214 -13.13 4.22 -12.27
CA VAL D 214 -14.00 4.92 -11.33
C VAL D 214 -14.63 6.11 -12.01
N ARG D 215 -13.86 6.76 -12.88
CA ARG D 215 -14.36 7.90 -13.64
C ARG D 215 -13.30 8.48 -14.57
N MET D 216 -13.78 9.12 -15.63
CA MET D 216 -12.92 9.74 -16.62
C MET D 216 -13.35 11.19 -16.77
N ASP D 217 -12.41 12.08 -17.04
CA ASP D 217 -12.78 13.48 -17.19
C ASP D 217 -13.49 13.65 -18.51
N ARG D 218 -13.31 12.69 -19.41
CA ARG D 218 -13.95 12.74 -20.73
C ARG D 218 -14.36 11.35 -21.22
N THR D 219 -15.58 11.26 -21.74
CA THR D 219 -16.09 10.00 -22.24
C THR D 219 -16.35 10.00 -23.74
N ALA D 220 -15.84 11.02 -24.42
CA ALA D 220 -15.99 11.11 -25.86
C ALA D 220 -14.75 11.79 -26.44
N GLY D 221 -14.44 11.48 -27.69
CA GLY D 221 -13.29 12.07 -28.32
C GLY D 221 -13.40 12.00 -29.83
N CYS D 222 -12.48 12.68 -30.51
CA CYS D 222 -12.49 12.70 -31.95
C CYS D 222 -11.88 11.41 -32.51
N VAL D 223 -12.44 10.93 -33.62
CA VAL D 223 -11.95 9.71 -34.24
C VAL D 223 -10.49 9.80 -34.61
N THR D 224 -9.96 11.01 -34.68
CA THR D 224 -8.57 11.24 -35.02
C THR D 224 -7.64 10.72 -33.93
N GLY D 225 -8.11 10.77 -32.69
CA GLY D 225 -7.31 10.30 -31.58
C GLY D 225 -6.20 11.25 -31.17
N GLY D 226 -5.37 10.83 -30.22
CA GLY D 226 -4.28 11.66 -29.78
C GLY D 226 -4.74 12.70 -28.76
N GLU D 227 -5.90 12.44 -28.15
CA GLU D 227 -6.44 13.35 -27.17
C GLU D 227 -6.17 12.87 -25.76
N GLU D 228 -5.69 13.77 -24.91
CA GLU D 228 -5.38 13.43 -23.54
C GLU D 228 -6.63 13.18 -22.67
N ILE D 229 -6.58 12.13 -21.86
CA ILE D 229 -7.70 11.79 -21.00
C ILE D 229 -7.21 11.35 -19.64
N TYR D 230 -7.84 11.89 -18.60
CA TYR D 230 -7.52 11.55 -17.22
C TYR D 230 -8.51 10.48 -16.75
N LEU D 231 -7.97 9.33 -16.37
CA LEU D 231 -8.79 8.20 -15.91
C LEU D 231 -8.43 7.80 -14.48
N LEU D 232 -9.45 7.73 -13.62
CA LEU D 232 -9.27 7.34 -12.22
C LEU D 232 -9.73 5.89 -12.05
N CYS D 233 -8.90 5.08 -11.40
CA CYS D 233 -9.20 3.67 -11.23
C CYS D 233 -8.84 3.15 -9.83
N ASP D 234 -8.99 1.83 -9.66
CA ASP D 234 -8.64 1.17 -8.41
C ASP D 234 -7.19 0.72 -8.53
N LYS D 235 -6.61 0.23 -7.44
CA LYS D 235 -5.21 -0.20 -7.43
C LYS D 235 -4.85 -0.99 -8.67
N VAL D 236 -3.80 -0.55 -9.35
CA VAL D 236 -3.33 -1.21 -10.56
C VAL D 236 -1.82 -1.12 -10.55
N GLN D 237 -1.14 -1.84 -11.43
CA GLN D 237 0.31 -1.77 -11.44
C GLN D 237 0.84 -1.17 -12.74
N LYS D 238 1.50 -0.02 -12.60
CA LYS D 238 2.05 0.75 -13.71
C LYS D 238 2.79 -0.03 -14.79
N ASP D 239 3.10 -1.29 -14.53
CA ASP D 239 3.79 -2.07 -15.55
C ASP D 239 2.93 -3.17 -16.12
N ASP D 240 1.83 -3.48 -15.47
CA ASP D 240 0.97 -4.54 -15.96
C ASP D 240 -0.44 -4.03 -16.19
N ILE D 241 -0.55 -2.94 -16.94
CA ILE D 241 -1.87 -2.37 -17.21
C ILE D 241 -1.92 -1.69 -18.57
N GLN D 242 -3.11 -1.66 -19.15
CA GLN D 242 -3.33 -1.03 -20.44
C GLN D 242 -4.81 -0.70 -20.59
N ILE D 243 -5.09 0.35 -21.35
CA ILE D 243 -6.47 0.75 -21.55
C ILE D 243 -6.87 0.36 -22.95
N ARG D 244 -7.87 -0.52 -23.04
CA ARG D 244 -8.31 -0.98 -24.34
C ARG D 244 -9.69 -0.48 -24.70
N PHE D 245 -9.82 -0.02 -25.95
CA PHE D 245 -11.09 0.45 -26.50
C PHE D 245 -11.52 -0.63 -27.48
N TYR D 246 -12.80 -0.98 -27.48
CA TYR D 246 -13.23 -2.01 -28.40
C TYR D 246 -14.64 -1.81 -28.94
N GLU D 247 -14.91 -2.48 -30.06
CA GLU D 247 -16.21 -2.41 -30.71
C GLU D 247 -16.58 -3.77 -31.30
N GLU D 248 -17.82 -4.21 -31.05
CA GLU D 248 -18.34 -5.47 -31.54
C GLU D 248 -19.17 -5.31 -32.82
N GLU D 249 -18.52 -5.44 -33.97
CA GLU D 249 -19.21 -5.28 -35.25
C GLU D 249 -20.10 -6.45 -35.63
N GLU D 250 -20.58 -6.46 -36.89
CA GLU D 250 -21.45 -7.53 -37.39
C GLU D 250 -20.68 -8.83 -37.50
N ASN D 251 -19.53 -8.79 -38.15
CA ASN D 251 -18.69 -9.96 -38.31
C ASN D 251 -17.91 -10.22 -37.01
N GLY D 252 -18.58 -10.08 -35.86
CA GLY D 252 -17.91 -10.29 -34.59
C GLY D 252 -16.88 -9.22 -34.31
N GLY D 253 -17.24 -8.26 -33.45
CA GLY D 253 -16.35 -7.17 -33.09
C GLY D 253 -14.90 -7.51 -32.84
N VAL D 254 -14.09 -7.35 -33.89
CA VAL D 254 -12.67 -7.62 -33.85
C VAL D 254 -11.85 -6.33 -33.67
N TRP D 255 -12.49 -5.15 -33.72
CA TRP D 255 -11.72 -3.91 -33.59
C TRP D 255 -11.39 -3.47 -32.16
N GLU D 256 -10.15 -3.06 -32.00
CA GLU D 256 -9.65 -2.61 -30.72
C GLU D 256 -8.53 -1.61 -30.90
N GLY D 257 -8.37 -0.77 -29.88
CA GLY D 257 -7.33 0.23 -29.87
C GLY D 257 -6.90 0.41 -28.43
N PHE D 258 -5.72 0.98 -28.21
CA PHE D 258 -5.27 1.16 -26.85
C PHE D 258 -4.81 2.57 -26.54
N GLY D 259 -5.06 3.00 -25.31
CA GLY D 259 -4.65 4.33 -24.89
C GLY D 259 -3.14 4.38 -24.89
N ASP D 260 -2.59 5.50 -25.37
CA ASP D 260 -1.15 5.62 -25.42
C ASP D 260 -0.61 6.26 -24.16
N PHE D 261 0.38 5.60 -23.55
CA PHE D 261 0.97 6.11 -22.32
C PHE D 261 2.14 5.32 -21.76
N SER D 262 3.06 6.05 -21.15
CA SER D 262 4.21 5.45 -20.51
C SER D 262 3.79 5.15 -19.07
N PRO D 263 4.62 4.40 -18.33
CA PRO D 263 4.25 4.10 -16.94
C PRO D 263 4.32 5.30 -15.99
N THR D 264 5.15 6.29 -16.36
CA THR D 264 5.31 7.49 -15.56
C THR D 264 4.00 8.27 -15.58
N ASP D 265 3.11 7.88 -16.47
CA ASP D 265 1.81 8.53 -16.57
C ASP D 265 0.81 7.93 -15.59
N VAL D 266 1.24 6.93 -14.83
CA VAL D 266 0.37 6.29 -13.87
C VAL D 266 0.64 6.88 -12.52
N HIS D 267 -0.33 7.63 -12.02
CA HIS D 267 -0.19 8.32 -10.75
C HIS D 267 -0.48 7.47 -9.52
N ARG D 268 0.54 7.26 -8.69
CA ARG D 268 0.37 6.50 -7.47
C ARG D 268 -0.61 5.33 -7.59
N GLN D 269 -0.52 4.61 -8.70
CA GLN D 269 -1.35 3.42 -8.96
C GLN D 269 -2.88 3.64 -9.03
N PHE D 270 -3.35 4.87 -8.80
CA PHE D 270 -4.78 5.14 -8.81
C PHE D 270 -5.34 5.98 -9.95
N ALA D 271 -4.46 6.44 -10.85
CA ALA D 271 -4.90 7.25 -11.97
C ALA D 271 -3.96 7.14 -13.15
N ILE D 272 -4.52 7.25 -14.35
CA ILE D 272 -3.74 7.16 -15.56
C ILE D 272 -4.13 8.27 -16.49
N VAL D 273 -3.14 8.96 -17.05
CA VAL D 273 -3.42 10.00 -18.03
C VAL D 273 -2.84 9.45 -19.35
N PHE D 274 -3.70 9.28 -20.34
CA PHE D 274 -3.26 8.72 -21.60
C PHE D 274 -3.82 9.51 -22.76
N LYS D 275 -3.50 9.06 -23.97
CA LYS D 275 -3.99 9.68 -25.20
C LYS D 275 -4.87 8.68 -25.95
N THR D 276 -6.03 9.13 -26.39
CA THR D 276 -6.95 8.26 -27.11
C THR D 276 -6.35 7.69 -28.37
N PRO D 277 -6.70 6.44 -28.68
CA PRO D 277 -6.19 5.80 -29.88
C PRO D 277 -7.07 6.19 -31.06
N LYS D 278 -6.48 6.32 -32.24
CA LYS D 278 -7.23 6.68 -33.45
C LYS D 278 -8.30 5.62 -33.71
N TYR D 279 -9.53 6.05 -33.98
CA TYR D 279 -10.61 5.12 -34.26
C TYR D 279 -10.41 4.45 -35.63
N LYS D 280 -11.05 3.30 -35.87
CA LYS D 280 -10.87 2.56 -37.13
C LYS D 280 -11.18 3.33 -38.40
N ASP D 281 -12.31 4.02 -38.40
CA ASP D 281 -12.72 4.82 -39.56
C ASP D 281 -12.76 6.30 -39.18
N VAL D 282 -11.70 7.03 -39.55
CA VAL D 282 -11.62 8.47 -39.27
C VAL D 282 -12.42 9.24 -40.31
N ASN D 283 -13.33 8.52 -40.98
CA ASN D 283 -14.18 9.12 -42.00
C ASN D 283 -15.67 9.02 -41.71
N ILE D 284 -16.02 8.48 -40.54
CA ILE D 284 -17.43 8.36 -40.18
C ILE D 284 -18.11 9.72 -40.19
N THR D 285 -19.42 9.71 -40.38
CA THR D 285 -20.16 10.95 -40.44
C THR D 285 -21.14 11.08 -39.28
N LYS D 286 -21.30 9.99 -38.55
CA LYS D 286 -22.19 10.00 -37.40
C LYS D 286 -21.36 9.42 -36.25
N PRO D 287 -21.58 9.89 -35.02
CA PRO D 287 -20.83 9.39 -33.87
C PRO D 287 -20.86 7.88 -33.79
N ALA D 288 -19.79 7.32 -33.26
CA ALA D 288 -19.68 5.87 -33.12
C ALA D 288 -19.46 5.56 -31.64
N SER D 289 -20.46 4.95 -31.01
CA SER D 289 -20.33 4.59 -29.60
C SER D 289 -19.57 3.28 -29.47
N VAL D 290 -18.61 3.23 -28.55
CA VAL D 290 -17.83 2.03 -28.33
C VAL D 290 -17.57 1.85 -26.85
N PHE D 291 -16.72 0.89 -26.51
CA PHE D 291 -16.40 0.62 -25.11
C PHE D 291 -14.93 0.69 -24.75
N VAL D 292 -14.68 1.15 -23.53
CA VAL D 292 -13.34 1.25 -22.96
C VAL D 292 -13.25 0.36 -21.73
N GLN D 293 -12.13 -0.31 -21.56
CA GLN D 293 -11.95 -1.16 -20.41
C GLN D 293 -10.50 -1.26 -19.99
N LEU D 294 -10.33 -1.50 -18.69
CA LEU D 294 -9.03 -1.67 -18.10
C LEU D 294 -8.71 -3.15 -18.28
N ARG D 295 -7.51 -3.45 -18.75
CA ARG D 295 -7.13 -4.84 -18.93
C ARG D 295 -5.72 -5.08 -18.42
N ARG D 296 -5.60 -6.07 -17.55
CA ARG D 296 -4.32 -6.46 -16.97
C ARG D 296 -3.52 -7.17 -18.07
N LYS D 297 -2.34 -6.66 -18.35
CA LYS D 297 -1.52 -7.23 -19.40
C LYS D 297 -1.02 -8.64 -19.08
N SER D 298 -1.12 -9.03 -17.82
CA SER D 298 -0.65 -10.34 -17.35
C SER D 298 -1.65 -11.47 -17.59
N ASP D 299 -2.78 -11.40 -16.91
CA ASP D 299 -3.81 -12.42 -17.03
C ASP D 299 -4.93 -12.02 -17.99
N LEU D 300 -4.67 -11.00 -18.81
CA LEU D 300 -5.66 -10.48 -19.77
C LEU D 300 -7.04 -10.39 -19.14
N GLU D 301 -7.09 -10.03 -17.85
CA GLU D 301 -8.36 -9.90 -17.15
C GLU D 301 -8.80 -8.44 -17.29
N THR D 302 -10.09 -8.23 -17.47
CA THR D 302 -10.59 -6.87 -17.69
C THR D 302 -11.54 -6.34 -16.63
N SER D 303 -11.92 -5.07 -16.79
CA SER D 303 -12.86 -4.40 -15.88
C SER D 303 -14.15 -4.22 -16.64
N GLU D 304 -15.21 -3.84 -15.92
CA GLU D 304 -16.51 -3.62 -16.52
C GLU D 304 -16.31 -2.66 -17.69
N PRO D 305 -16.71 -3.05 -18.89
CA PRO D 305 -16.53 -2.15 -20.04
C PRO D 305 -17.23 -0.83 -19.80
N LYS D 306 -16.60 0.25 -20.24
CA LYS D 306 -17.19 1.57 -20.07
C LYS D 306 -17.40 2.16 -21.46
N PRO D 307 -18.57 2.74 -21.70
CA PRO D 307 -18.96 3.36 -22.98
C PRO D 307 -18.17 4.64 -23.29
N PHE D 308 -17.64 4.71 -24.50
CA PHE D 308 -16.88 5.87 -24.96
C PHE D 308 -17.35 6.23 -26.36
N LEU D 309 -17.68 7.50 -26.56
CA LEU D 309 -18.18 7.97 -27.84
C LEU D 309 -17.13 8.65 -28.75
N TYR D 310 -17.13 8.21 -30.01
CA TYR D 310 -16.23 8.73 -31.05
C TYR D 310 -17.04 9.61 -31.98
N TYR D 311 -16.59 10.85 -32.17
CA TYR D 311 -17.32 11.77 -33.04
C TYR D 311 -16.47 12.23 -34.20
N PRO D 312 -17.13 12.50 -35.34
CA PRO D 312 -16.49 12.95 -36.57
C PRO D 312 -15.48 14.04 -36.34
N GLU D 313 -14.44 14.01 -37.16
CA GLU D 313 -13.36 14.98 -37.09
C GLU D 313 -13.80 16.30 -37.72
#